data_9MG2
#
_entry.id   9MG2
#
_cell.length_a   45.962
_cell.length_b   54.789
_cell.length_c   112.933
_cell.angle_alpha   90.00
_cell.angle_beta   92.80
_cell.angle_gamma   90.00
#
_symmetry.space_group_name_H-M   'P 1 21 1'
#
loop_
_entity.id
_entity.type
_entity.pdbx_description
1 polymer 'mRNA cap guanine-N(7) methyltransferase'
2 non-polymer SINEFUNGIN
3 non-polymer 1,2-ETHANEDIOL
4 non-polymer DI(HYDROXYETHYL)ETHER
5 non-polymer 2-AMINO-2-HYDROXYMETHYL-PROPANE-1,3-DIOL
6 water water
#
_entity_poly.entity_id   1
_entity_poly.type   'polypeptide(L)'
_entity_poly.pdbx_seq_one_letter_code
;SPIIKLRNFNNAIKYILIDKFTRAGDVVLELACGKGGDLRKYGAAGISQFIGIDISNASITEALKRYHSMKNLEYQVILI
TGDCFGESLGVAVESFPECRFPCDIVSCQFALHYAFETEEKARRMLLNVVKSLKIGGYFFGTIPDSEFIRYKMNKIPESV
EKPSWGNSIYKVTFSNNEYQKNGNEFPSPFGQMYTFWLEDAIDNVPEYVIPFESFRSLADEYGMELELQKGFNEFFVEEI
PNWVNRFSPKMREGLKRSDGRYGVEGVEKEPAAYFYTTFAFRKVRDYQE
;
_entity_poly.pdbx_strand_id   A,B
#
loop_
_chem_comp.id
_chem_comp.type
_chem_comp.name
_chem_comp.formula
EDO non-polymer 1,2-ETHANEDIOL 'C2 H6 O2'
PEG non-polymer DI(HYDROXYETHYL)ETHER 'C4 H10 O3'
SFG non-polymer SINEFUNGIN 'C15 H23 N7 O5'
TRS non-polymer 2-AMINO-2-HYDROXYMETHYL-PROPANE-1,3-DIOL 'C4 H12 N O3 1'
#
# COMPACT_ATOMS: atom_id res chain seq x y z
N SER A 1 3.70 10.83 -15.89
CA SER A 1 3.41 10.93 -14.46
C SER A 1 2.22 11.85 -14.22
N PRO A 2 1.23 11.37 -13.48
CA PRO A 2 0.04 12.19 -13.19
C PRO A 2 0.16 13.09 -11.97
N ILE A 3 1.28 13.04 -11.25
CA ILE A 3 1.34 13.67 -9.94
C ILE A 3 1.14 15.18 -10.04
N ILE A 4 1.77 15.82 -11.02
CA ILE A 4 1.71 17.28 -11.10
C ILE A 4 0.28 17.74 -11.37
N LYS A 5 -0.38 17.13 -12.36
CA LYS A 5 -1.75 17.52 -12.68
C LYS A 5 -2.71 17.21 -11.52
N LEU A 6 -2.53 16.06 -10.85
CA LEU A 6 -3.39 15.72 -9.72
C LEU A 6 -3.18 16.68 -8.55
N ARG A 7 -1.93 17.06 -8.29
CA ARG A 7 -1.64 18.04 -7.25
C ARG A 7 -2.31 19.38 -7.56
N ASN A 8 -2.23 19.81 -8.83
CA ASN A 8 -2.87 21.07 -9.20
C ASN A 8 -4.38 21.00 -9.03
N PHE A 9 -4.99 19.88 -9.44
CA PHE A 9 -6.43 19.71 -9.31
C PHE A 9 -6.85 19.76 -7.85
N ASN A 10 -6.14 19.03 -6.99
CA ASN A 10 -6.52 19.01 -5.58
C ASN A 10 -6.32 20.38 -4.94
N ASN A 11 -5.29 21.12 -5.38
CA ASN A 11 -5.10 22.46 -4.85
C ASN A 11 -6.24 23.39 -5.27
N ALA A 12 -6.75 23.21 -6.49
CA ALA A 12 -7.91 24.00 -6.91
C ALA A 12 -9.15 23.64 -6.11
N ILE A 13 -9.39 22.34 -5.89
CA ILE A 13 -10.55 21.92 -5.09
C ILE A 13 -10.46 22.50 -3.68
N LYS A 14 -9.28 22.37 -3.05
CA LYS A 14 -9.11 22.90 -1.70
C LYS A 14 -9.27 24.41 -1.66
N TYR A 15 -8.74 25.10 -2.67
CA TYR A 15 -8.89 26.55 -2.76
CA TYR A 15 -8.90 26.55 -2.69
C TYR A 15 -10.36 26.94 -2.71
N ILE A 16 -11.16 26.32 -3.58
CA ILE A 16 -12.59 26.63 -3.69
C ILE A 16 -13.33 26.23 -2.42
N LEU A 17 -12.99 25.07 -1.85
CA LEU A 17 -13.68 24.59 -0.65
C LEU A 17 -13.39 25.46 0.56
N ILE A 18 -12.13 25.86 0.73
CA ILE A 18 -11.77 26.74 1.85
C ILE A 18 -12.53 28.05 1.74
N ASP A 19 -12.48 28.68 0.55
CA ASP A 19 -13.19 29.94 0.35
C ASP A 19 -14.69 29.79 0.59
N LYS A 20 -15.25 28.61 0.30
CA LYS A 20 -16.70 28.43 0.42
C LYS A 20 -17.18 28.61 1.84
N PHE A 21 -16.40 28.15 2.83
CA PHE A 21 -16.87 28.21 4.21
C PHE A 21 -16.06 29.14 5.11
N THR A 22 -14.84 29.48 4.74
CA THR A 22 -13.98 30.28 5.60
C THR A 22 -14.23 31.76 5.35
N ARG A 23 -14.29 32.54 6.43
CA ARG A 23 -14.49 33.97 6.32
C ARG A 23 -13.30 34.71 6.89
N ALA A 24 -13.16 35.97 6.47
CA ALA A 24 -12.09 36.81 7.00
C ALA A 24 -12.22 36.95 8.50
N GLY A 25 -11.09 36.83 9.19
CA GLY A 25 -11.07 36.87 10.64
C GLY A 25 -11.20 35.53 11.33
N ASP A 26 -11.47 34.43 10.61
CA ASP A 26 -11.73 33.15 11.24
C ASP A 26 -10.48 32.55 11.90
N VAL A 27 -10.71 31.72 12.91
CA VAL A 27 -9.72 30.82 13.47
C VAL A 27 -9.94 29.45 12.86
N VAL A 28 -8.89 28.85 12.30
CA VAL A 28 -8.99 27.59 11.58
C VAL A 28 -8.15 26.55 12.32
N LEU A 29 -8.75 25.40 12.59
CA LEU A 29 -8.04 24.21 13.06
C LEU A 29 -8.00 23.20 11.92
N GLU A 30 -6.79 22.84 11.48
CA GLU A 30 -6.63 21.87 10.40
C GLU A 30 -6.08 20.57 10.96
N LEU A 31 -6.91 19.53 10.93
CA LEU A 31 -6.50 18.21 11.39
C LEU A 31 -5.69 17.48 10.32
N ALA A 32 -4.65 16.77 10.77
CA ALA A 32 -3.78 15.99 9.88
C ALA A 32 -3.27 16.86 8.72
N CYS A 33 -2.73 18.04 9.08
CA CYS A 33 -2.41 19.07 8.08
C CYS A 33 -1.23 18.72 7.19
N GLY A 34 -0.52 17.63 7.47
CA GLY A 34 0.62 17.31 6.63
C GLY A 34 1.70 18.38 6.69
N LYS A 35 2.26 18.71 5.53
CA LYS A 35 3.32 19.70 5.45
C LYS A 35 2.78 21.13 5.35
N GLY A 36 1.52 21.35 5.70
CA GLY A 36 0.98 22.70 5.78
C GLY A 36 0.88 23.44 4.46
N GLY A 37 0.43 22.76 3.41
CA GLY A 37 0.47 23.31 2.08
C GLY A 37 -0.73 24.16 1.68
N ASP A 38 -1.60 24.49 2.63
CA ASP A 38 -2.74 25.33 2.32
C ASP A 38 -2.65 26.71 2.96
N LEU A 39 -1.47 27.09 3.48
CA LEU A 39 -1.39 28.34 4.23
C LEU A 39 -1.79 29.53 3.38
N ARG A 40 -1.34 29.60 2.13
CA ARG A 40 -1.68 30.74 1.28
C ARG A 40 -3.16 30.76 0.93
N LYS A 41 -3.81 29.59 0.93
CA LYS A 41 -5.25 29.54 0.65
C LYS A 41 -6.05 30.14 1.80
N TYR A 42 -5.67 29.81 3.04
CA TYR A 42 -6.30 30.45 4.18
C TYR A 42 -5.94 31.91 4.27
N GLY A 43 -4.71 32.28 3.88
CA GLY A 43 -4.35 33.68 3.83
C GLY A 43 -5.19 34.46 2.84
N ALA A 44 -5.56 33.82 1.72
CA ALA A 44 -6.41 34.49 0.75
C ALA A 44 -7.80 34.75 1.32
N ALA A 45 -8.30 33.85 2.17
CA ALA A 45 -9.56 34.10 2.85
C ALA A 45 -9.44 35.10 4.00
N GLY A 46 -8.23 35.54 4.34
CA GLY A 46 -8.06 36.55 5.37
C GLY A 46 -8.22 36.10 6.79
N ILE A 47 -7.82 34.86 7.12
CA ILE A 47 -8.03 34.35 8.47
C ILE A 47 -7.15 35.09 9.46
N SER A 48 -7.47 34.91 10.74
CA SER A 48 -6.71 35.52 11.81
C SER A 48 -5.76 34.55 12.49
N GLN A 49 -6.08 33.26 12.54
CA GLN A 49 -5.21 32.28 13.16
C GLN A 49 -5.39 30.93 12.49
N PHE A 50 -4.27 30.23 12.27
CA PHE A 50 -4.24 28.87 11.73
C PHE A 50 -3.59 27.97 12.76
N ILE A 51 -4.27 26.88 13.11
CA ILE A 51 -3.72 25.84 13.97
C ILE A 51 -3.68 24.56 13.15
N GLY A 52 -2.48 24.04 12.90
CA GLY A 52 -2.35 22.79 12.17
C GLY A 52 -1.72 21.69 13.00
N ILE A 53 -2.32 20.50 13.02
CA ILE A 53 -1.84 19.37 13.82
C ILE A 53 -1.65 18.15 12.93
N ASP A 54 -0.51 17.48 13.05
CA ASP A 54 -0.27 16.24 12.31
C ASP A 54 0.50 15.26 13.19
N ILE A 55 0.24 13.97 13.01
CA ILE A 55 0.91 12.97 13.83
C ILE A 55 2.37 12.78 13.41
N SER A 56 2.76 13.26 12.23
CA SER A 56 4.11 13.07 11.70
C SER A 56 4.98 14.26 12.08
N ASN A 57 5.97 14.02 12.95
CA ASN A 57 6.89 15.09 13.32
C ASN A 57 7.67 15.58 12.10
N ALA A 58 8.04 14.66 11.21
CA ALA A 58 8.75 15.06 9.99
C ALA A 58 7.94 16.05 9.17
N SER A 59 6.63 15.79 9.03
CA SER A 59 5.79 16.68 8.24
C SER A 59 5.60 18.03 8.93
N ILE A 60 5.46 18.04 10.26
CA ILE A 60 5.30 19.29 10.99
C ILE A 60 6.59 20.10 10.93
N THR A 61 7.75 19.43 10.98
CA THR A 61 9.02 20.13 10.83
C THR A 61 9.11 20.82 9.47
N GLU A 62 8.65 20.14 8.43
CA GLU A 62 8.63 20.76 7.10
C GLU A 62 7.63 21.90 7.03
N ALA A 63 6.47 21.77 7.68
CA ALA A 63 5.51 22.86 7.68
C ALA A 63 6.09 24.08 8.38
N LEU A 64 6.77 23.86 9.52
CA LEU A 64 7.47 24.95 10.18
C LEU A 64 8.48 25.62 9.24
N LYS A 65 9.28 24.81 8.55
CA LYS A 65 10.29 25.34 7.64
C LYS A 65 9.64 26.18 6.52
N ARG A 66 8.54 25.68 5.94
CA ARG A 66 7.88 26.45 4.89
C ARG A 66 7.29 27.74 5.44
N TYR A 67 6.66 27.66 6.61
CA TYR A 67 6.04 28.85 7.21
C TYR A 67 7.08 29.93 7.49
N HIS A 68 8.18 29.56 8.18
CA HIS A 68 9.21 30.53 8.50
C HIS A 68 9.82 31.17 7.26
N SER A 69 9.68 30.53 6.10
CA SER A 69 10.21 31.11 4.85
C SER A 69 9.32 32.23 4.30
N MET A 70 8.08 32.34 4.75
CA MET A 70 7.16 33.37 4.28
C MET A 70 7.35 34.66 5.08
N LYS A 71 6.93 35.77 4.49
CA LYS A 71 7.19 37.09 5.08
C LYS A 71 5.91 37.90 5.25
N ASN A 72 5.84 38.60 6.38
CA ASN A 72 4.79 39.57 6.73
C ASN A 72 3.38 39.05 6.44
N LEU A 73 3.06 37.89 7.00
CA LEU A 73 1.69 37.42 7.00
C LEU A 73 0.88 38.17 8.06
N GLU A 74 -0.42 38.34 7.79
CA GLU A 74 -1.30 39.01 8.74
C GLU A 74 -1.99 38.05 9.69
N TYR A 75 -1.63 36.77 9.67
CA TYR A 75 -2.27 35.77 10.51
C TYR A 75 -1.22 34.96 11.25
N GLN A 76 -1.61 34.50 12.44
CA GLN A 76 -0.75 33.66 13.27
C GLN A 76 -0.85 32.20 12.82
N VAL A 77 0.30 31.52 12.78
CA VAL A 77 0.38 30.11 12.41
C VAL A 77 0.93 29.33 13.59
N ILE A 78 0.19 28.33 14.01
CA ILE A 78 0.58 27.40 15.07
C ILE A 78 0.63 26.01 14.45
N LEU A 79 1.75 25.31 14.62
CA LEU A 79 1.96 23.99 14.04
C LEU A 79 2.42 23.02 15.11
N ILE A 80 1.68 21.91 15.27
CA ILE A 80 1.79 21.02 16.41
C ILE A 80 1.91 19.59 15.91
N THR A 81 2.83 18.83 16.52
CA THR A 81 2.88 17.38 16.29
C THR A 81 1.96 16.71 17.29
N GLY A 82 0.91 16.04 16.79
CA GLY A 82 0.01 15.37 17.72
C GLY A 82 -0.98 14.47 16.99
N ASP A 83 -1.71 13.70 17.79
CA ASP A 83 -2.68 12.73 17.29
C ASP A 83 -4.08 13.34 17.32
N CYS A 84 -4.68 13.50 16.13
CA CYS A 84 -5.99 14.13 16.02
C CYS A 84 -7.14 13.13 16.12
N PHE A 85 -6.88 11.84 16.03
CA PHE A 85 -7.94 10.85 15.91
C PHE A 85 -8.00 9.86 17.05
N GLY A 86 -6.85 9.42 17.58
CA GLY A 86 -6.81 8.40 18.60
C GLY A 86 -6.56 8.90 20.00
N GLU A 87 -6.55 10.22 20.22
CA GLU A 87 -6.38 10.80 21.53
C GLU A 87 -7.18 12.10 21.58
N SER A 88 -7.55 12.51 22.79
CA SER A 88 -8.16 13.82 22.99
C SER A 88 -7.25 14.92 22.45
N LEU A 89 -7.84 15.84 21.69
CA LEU A 89 -7.09 16.99 21.19
C LEU A 89 -6.49 17.83 22.31
N GLY A 90 -7.07 17.77 23.51
CA GLY A 90 -6.48 18.47 24.65
C GLY A 90 -5.03 18.10 24.88
N VAL A 91 -4.66 16.85 24.62
CA VAL A 91 -3.27 16.42 24.80
C VAL A 91 -2.35 17.15 23.83
N ALA A 92 -2.78 17.30 22.57
CA ALA A 92 -1.92 17.91 21.56
C ALA A 92 -1.72 19.40 21.81
N VAL A 93 -2.76 20.10 22.25
CA VAL A 93 -2.71 21.56 22.34
C VAL A 93 -2.42 22.06 23.75
N GLU A 94 -2.24 21.16 24.72
CA GLU A 94 -1.99 21.56 26.11
C GLU A 94 -0.86 22.57 26.19
N SER A 95 0.23 22.33 25.48
CA SER A 95 1.41 23.19 25.54
C SER A 95 1.34 24.37 24.57
N PHE A 96 0.16 24.67 24.01
CA PHE A 96 -0.01 25.76 23.06
C PHE A 96 -1.20 26.64 23.45
N PRO A 97 -1.09 27.39 24.56
CA PRO A 97 -2.24 28.18 25.02
C PRO A 97 -2.61 29.32 24.11
N GLU A 98 -1.77 29.68 23.15
CA GLU A 98 -2.12 30.73 22.20
C GLU A 98 -3.23 30.32 21.24
N CYS A 99 -3.55 29.04 21.16
CA CYS A 99 -4.69 28.59 20.36
C CYS A 99 -5.97 29.27 20.82
N ARG A 100 -6.73 29.80 19.87
CA ARG A 100 -7.94 30.55 20.19
C ARG A 100 -9.16 29.64 19.95
N PHE A 101 -9.46 28.80 20.99
CA PHE A 101 -10.64 27.95 20.94
C PHE A 101 -11.80 28.57 21.72
N PRO A 102 -13.05 28.35 21.28
CA PRO A 102 -13.46 27.55 20.11
C PRO A 102 -13.13 28.26 18.80
N CYS A 103 -12.86 27.47 17.77
CA CYS A 103 -12.51 27.99 16.46
C CYS A 103 -13.75 28.10 15.56
N ASP A 104 -13.56 28.74 14.42
CA ASP A 104 -14.64 28.94 13.44
C ASP A 104 -14.73 27.83 12.41
N ILE A 105 -13.61 27.17 12.11
CA ILE A 105 -13.45 26.24 11.01
C ILE A 105 -12.60 25.07 11.51
N VAL A 106 -13.03 23.85 11.25
CA VAL A 106 -12.18 22.66 11.34
C VAL A 106 -12.10 22.06 9.94
N SER A 107 -10.89 21.95 9.42
CA SER A 107 -10.69 21.37 8.09
C SER A 107 -9.86 20.10 8.18
N CYS A 108 -10.03 19.23 7.20
CA CYS A 108 -9.20 18.02 7.15
C CYS A 108 -9.16 17.52 5.73
N GLN A 109 -7.99 17.52 5.11
CA GLN A 109 -7.85 17.17 3.70
C GLN A 109 -7.17 15.81 3.54
N PHE A 110 -7.84 14.92 2.80
CA PHE A 110 -7.28 13.62 2.40
C PHE A 110 -6.77 12.82 3.60
N ALA A 111 -7.54 12.83 4.70
CA ALA A 111 -7.03 12.16 5.89
C ALA A 111 -8.09 11.62 6.84
N LEU A 112 -9.32 12.15 6.80
CA LEU A 112 -10.30 11.77 7.81
C LEU A 112 -10.65 10.29 7.77
N HIS A 113 -10.49 9.62 6.62
CA HIS A 113 -10.80 8.21 6.52
C HIS A 113 -9.88 7.35 7.38
N TYR A 114 -8.65 7.80 7.68
CA TYR A 114 -7.82 7.06 8.63
C TYR A 114 -8.47 6.96 10.01
N ALA A 115 -9.36 7.89 10.37
CA ALA A 115 -10.05 7.81 11.65
C ALA A 115 -11.07 6.68 11.68
N PHE A 116 -11.39 6.08 10.55
CA PHE A 116 -12.38 5.01 10.50
C PHE A 116 -11.72 3.64 10.60
N GLU A 117 -10.44 3.60 10.97
CA GLU A 117 -9.80 2.34 11.34
C GLU A 117 -10.62 1.58 12.39
N THR A 118 -11.14 2.29 13.38
CA THR A 118 -11.98 1.69 14.42
C THR A 118 -13.10 2.65 14.77
N GLU A 119 -14.16 2.11 15.39
CA GLU A 119 -15.24 2.97 15.87
C GLU A 119 -14.74 3.91 16.96
N GLU A 120 -13.87 3.42 17.83
CA GLU A 120 -13.31 4.25 18.88
C GLU A 120 -12.60 5.47 18.30
N LYS A 121 -11.80 5.25 17.24
CA LYS A 121 -11.09 6.36 16.61
C LYS A 121 -12.03 7.31 15.89
N ALA A 122 -13.04 6.78 15.21
CA ALA A 122 -14.00 7.66 14.53
C ALA A 122 -14.73 8.55 15.53
N ARG A 123 -15.13 8.00 16.66
CA ARG A 123 -15.85 8.78 17.67
C ARG A 123 -14.91 9.76 18.37
N ARG A 124 -13.66 9.35 18.63
CA ARG A 124 -12.72 10.27 19.24
C ARG A 124 -12.44 11.45 18.33
N MET A 125 -12.28 11.19 17.04
CA MET A 125 -12.13 12.26 16.06
C MET A 125 -13.33 13.21 16.10
N LEU A 126 -14.55 12.66 16.12
CA LEU A 126 -15.72 13.54 16.06
C LEU A 126 -15.88 14.34 17.35
N LEU A 127 -15.64 13.72 18.50
CA LEU A 127 -15.67 14.47 19.74
C LEU A 127 -14.59 15.57 19.75
N ASN A 128 -13.41 15.26 19.21
CA ASN A 128 -12.37 16.28 19.04
C ASN A 128 -12.89 17.45 18.21
N VAL A 129 -13.60 17.15 17.13
CA VAL A 129 -14.07 18.21 16.22
C VAL A 129 -15.09 19.09 16.92
N VAL A 130 -16.10 18.49 17.55
CA VAL A 130 -17.19 19.31 18.06
C VAL A 130 -16.75 20.05 19.31
N LYS A 131 -15.81 19.50 20.08
CA LYS A 131 -15.32 20.22 21.26
C LYS A 131 -14.48 21.44 20.89
N SER A 132 -13.89 21.44 19.70
CA SER A 132 -13.06 22.55 19.26
CA SER A 132 -13.06 22.55 19.26
C SER A 132 -13.85 23.65 18.54
N LEU A 133 -15.03 23.33 18.03
CA LEU A 133 -15.77 24.17 17.10
C LEU A 133 -16.83 25.01 17.79
N LYS A 134 -16.94 26.27 17.37
CA LYS A 134 -18.06 27.11 17.79
C LYS A 134 -19.37 26.56 17.27
N ILE A 135 -20.43 26.68 18.07
CA ILE A 135 -21.76 26.49 17.51
C ILE A 135 -21.92 27.40 16.31
N GLY A 136 -22.43 26.86 15.21
CA GLY A 136 -22.51 27.59 13.95
C GLY A 136 -21.30 27.41 13.04
N GLY A 137 -20.18 26.92 13.57
CA GLY A 137 -18.98 26.75 12.77
C GLY A 137 -19.08 25.56 11.84
N TYR A 138 -18.11 25.49 10.92
CA TYR A 138 -18.13 24.49 9.86
C TYR A 138 -16.96 23.52 9.99
N PHE A 139 -17.25 22.27 9.64
CA PHE A 139 -16.27 21.18 9.55
C PHE A 139 -16.29 20.73 8.10
N PHE A 140 -15.16 20.86 7.40
CA PHE A 140 -15.17 20.52 5.97
C PHE A 140 -13.86 19.86 5.57
N GLY A 141 -13.87 19.22 4.41
CA GLY A 141 -12.66 18.56 3.93
C GLY A 141 -12.90 17.69 2.71
N THR A 142 -11.97 16.76 2.49
CA THR A 142 -11.93 15.94 1.29
C THR A 142 -11.63 14.50 1.68
N ILE A 143 -12.41 13.55 1.16
CA ILE A 143 -12.23 12.14 1.53
C ILE A 143 -12.50 11.25 0.33
N PRO A 144 -11.95 10.02 0.34
CA PRO A 144 -12.39 9.04 -0.65
C PRO A 144 -13.89 8.83 -0.54
N ASP A 145 -14.53 8.69 -1.68
CA ASP A 145 -15.99 8.65 -1.77
C ASP A 145 -16.45 7.20 -1.63
N SER A 146 -17.05 6.86 -0.49
CA SER A 146 -17.48 5.49 -0.26
C SER A 146 -18.53 5.05 -1.27
N GLU A 147 -19.25 5.99 -1.86
CA GLU A 147 -20.30 5.63 -2.79
C GLU A 147 -19.73 5.23 -4.14
N PHE A 148 -18.64 5.87 -4.58
CA PHE A 148 -18.00 5.39 -5.80
C PHE A 148 -17.33 4.05 -5.55
N ILE A 149 -16.72 3.89 -4.38
CA ILE A 149 -16.12 2.62 -3.97
C ILE A 149 -17.15 1.50 -4.00
N ARG A 150 -18.33 1.74 -3.43
CA ARG A 150 -19.37 0.71 -3.44
C ARG A 150 -19.86 0.40 -4.85
N TYR A 151 -19.96 1.42 -5.71
CA TYR A 151 -20.28 1.17 -7.12
C TYR A 151 -19.29 0.17 -7.73
N LYS A 152 -18.00 0.45 -7.58
CA LYS A 152 -17.00 -0.45 -8.15
C LYS A 152 -17.08 -1.83 -7.50
N MET A 153 -17.27 -1.86 -6.17
CA MET A 153 -17.31 -3.13 -5.47
C MET A 153 -18.52 -3.97 -5.89
N ASN A 154 -19.64 -3.33 -6.18
CA ASN A 154 -20.85 -4.05 -6.61
C ASN A 154 -20.70 -4.68 -7.98
N LYS A 155 -19.72 -4.24 -8.76
CA LYS A 155 -19.46 -4.82 -10.07
C LYS A 155 -18.48 -5.99 -10.02
N ILE A 156 -17.92 -6.29 -8.84
CA ILE A 156 -16.89 -7.32 -8.68
C ILE A 156 -17.56 -8.56 -8.07
N PRO A 157 -17.48 -9.72 -8.71
CA PRO A 157 -18.15 -10.90 -8.15
C PRO A 157 -17.42 -11.47 -6.94
N GLU A 158 -18.17 -12.26 -6.14
CA GLU A 158 -17.62 -12.87 -4.94
C GLU A 158 -16.45 -13.80 -5.24
N SER A 159 -16.34 -14.27 -6.48
CA SER A 159 -15.23 -15.16 -6.86
C SER A 159 -13.88 -14.47 -6.79
N VAL A 160 -13.85 -13.15 -6.76
CA VAL A 160 -12.57 -12.44 -6.68
C VAL A 160 -12.15 -12.34 -5.22
N GLU A 161 -11.00 -12.92 -4.90
CA GLU A 161 -10.56 -12.95 -3.51
C GLU A 161 -10.24 -11.56 -2.97
N LYS A 162 -9.53 -10.75 -3.74
CA LYS A 162 -9.09 -9.41 -3.33
C LYS A 162 -9.68 -8.40 -4.30
N PRO A 163 -10.90 -7.90 -4.04
CA PRO A 163 -11.56 -7.01 -4.99
C PRO A 163 -10.69 -5.84 -5.41
N SER A 164 -10.59 -5.63 -6.72
CA SER A 164 -9.64 -4.66 -7.24
C SER A 164 -10.19 -3.99 -8.48
N TRP A 165 -9.85 -2.71 -8.66
CA TRP A 165 -10.15 -2.01 -9.90
C TRP A 165 -9.09 -0.93 -10.12
N GLY A 166 -9.03 -0.42 -11.34
CA GLY A 166 -8.15 0.70 -11.59
C GLY A 166 -7.94 0.90 -13.08
N ASN A 167 -6.89 1.66 -13.41
CA ASN A 167 -6.51 1.93 -14.79
C ASN A 167 -5.00 2.02 -14.86
N SER A 168 -4.48 2.57 -15.96
CA SER A 168 -3.03 2.56 -16.17
C SER A 168 -2.26 3.26 -15.06
N ILE A 169 -2.89 4.17 -14.30
CA ILE A 169 -2.15 4.97 -13.33
C ILE A 169 -2.59 4.76 -11.90
N TYR A 170 -3.60 3.93 -11.63
CA TYR A 170 -3.99 3.71 -10.23
C TYR A 170 -4.71 2.38 -10.11
N LYS A 171 -4.69 1.83 -8.88
CA LYS A 171 -5.34 0.56 -8.59
C LYS A 171 -5.68 0.51 -7.11
N VAL A 172 -6.92 0.18 -6.82
CA VAL A 172 -7.41 -0.06 -5.47
C VAL A 172 -7.47 -1.57 -5.27
N THR A 173 -6.89 -2.05 -4.16
CA THR A 173 -6.98 -3.47 -3.80
C THR A 173 -7.50 -3.61 -2.38
N PHE A 174 -8.64 -4.26 -2.21
CA PHE A 174 -9.17 -4.53 -0.88
C PHE A 174 -8.49 -5.73 -0.24
N SER A 175 -8.41 -5.72 1.10
CA SER A 175 -7.71 -6.78 1.83
C SER A 175 -8.45 -8.10 1.73
N ASN A 176 -9.78 -8.06 1.64
CA ASN A 176 -10.59 -9.26 1.57
C ASN A 176 -11.88 -8.94 0.84
N ASN A 177 -12.69 -9.97 0.60
CA ASN A 177 -13.95 -9.83 -0.09
C ASN A 177 -15.15 -10.02 0.84
N GLU A 178 -15.00 -9.68 2.12
CA GLU A 178 -16.13 -9.80 3.04
C GLU A 178 -17.32 -8.96 2.59
N TYR A 179 -17.07 -7.84 1.91
CA TYR A 179 -18.16 -7.05 1.33
C TYR A 179 -19.04 -7.91 0.44
N GLN A 180 -18.42 -8.62 -0.51
CA GLN A 180 -19.17 -9.43 -1.45
C GLN A 180 -19.76 -10.67 -0.76
N LYS A 181 -19.03 -11.26 0.19
CA LYS A 181 -19.53 -12.43 0.92
C LYS A 181 -20.76 -12.09 1.75
N ASN A 182 -20.84 -10.84 2.23
CA ASN A 182 -21.94 -10.32 3.04
C ASN A 182 -23.05 -9.73 2.18
N GLY A 183 -23.17 -10.14 0.93
CA GLY A 183 -24.22 -9.65 0.06
C GLY A 183 -24.02 -8.22 -0.43
N ASN A 184 -22.77 -7.85 -0.69
CA ASN A 184 -22.39 -6.49 -1.12
C ASN A 184 -22.76 -5.45 -0.07
N GLU A 185 -22.29 -5.69 1.16
CA GLU A 185 -22.42 -4.75 2.26
C GLU A 185 -21.19 -4.92 3.15
N PHE A 186 -20.64 -3.82 3.61
CA PHE A 186 -19.52 -3.94 4.56
C PHE A 186 -20.03 -4.52 5.88
N PRO A 187 -19.35 -5.52 6.45
CA PRO A 187 -19.86 -6.11 7.70
C PRO A 187 -19.79 -5.16 8.87
N SER A 188 -19.01 -4.09 8.76
CA SER A 188 -18.84 -3.07 9.77
C SER A 188 -18.49 -1.79 9.03
N PRO A 189 -18.92 -0.63 9.52
CA PRO A 189 -18.47 0.62 8.87
C PRO A 189 -17.00 0.88 9.06
N PHE A 190 -16.35 0.24 10.03
CA PHE A 190 -15.00 0.58 10.45
C PHE A 190 -14.02 -0.55 10.13
N GLY A 191 -12.75 -0.17 9.90
CA GLY A 191 -11.72 -1.17 9.69
C GLY A 191 -11.76 -1.89 8.36
N GLN A 192 -12.48 -1.36 7.37
CA GLN A 192 -12.54 -1.99 6.05
C GLN A 192 -11.36 -1.46 5.25
N MET A 193 -10.34 -2.29 5.09
CA MET A 193 -9.02 -1.85 4.67
C MET A 193 -8.75 -2.12 3.21
N TYR A 194 -8.05 -1.21 2.55
CA TYR A 194 -7.59 -1.41 1.19
C TYR A 194 -6.26 -0.69 1.02
N THR A 195 -5.55 -1.02 -0.06
CA THR A 195 -4.41 -0.21 -0.46
C THR A 195 -4.71 0.50 -1.78
N PHE A 196 -3.97 1.58 -2.02
CA PHE A 196 -4.18 2.47 -3.14
C PHE A 196 -2.84 2.69 -3.84
N TRP A 197 -2.69 2.16 -5.05
CA TRP A 197 -1.49 2.39 -5.85
C TRP A 197 -1.76 3.55 -6.78
N LEU A 198 -0.84 4.51 -6.81
CA LEU A 198 -0.88 5.61 -7.77
C LEU A 198 0.50 5.72 -8.39
N GLU A 199 0.55 5.86 -9.71
CA GLU A 199 1.83 5.99 -10.39
C GLU A 199 2.62 7.16 -9.81
N ASP A 200 3.87 6.89 -9.43
CA ASP A 200 4.81 7.90 -8.96
C ASP A 200 4.43 8.47 -7.60
N ALA A 201 3.46 7.89 -6.90
CA ALA A 201 3.09 8.38 -5.57
C ALA A 201 4.27 8.18 -4.61
N ILE A 202 4.34 9.05 -3.61
CA ILE A 202 5.50 9.09 -2.71
C ILE A 202 5.25 8.40 -1.39
N ASP A 203 4.04 7.93 -1.13
CA ASP A 203 3.70 7.28 0.14
C ASP A 203 2.71 6.15 -0.12
N ASN A 204 2.63 5.25 0.87
CA ASN A 204 1.76 4.09 0.79
CA ASN A 204 1.79 4.05 0.79
C ASN A 204 1.46 3.64 2.22
N VAL A 205 0.20 3.80 2.64
CA VAL A 205 -0.23 3.39 3.97
C VAL A 205 -1.56 2.64 3.88
N PRO A 206 -1.88 1.85 4.90
CA PRO A 206 -3.21 1.23 4.94
C PRO A 206 -4.34 2.26 4.92
N GLU A 207 -5.26 2.08 3.99
CA GLU A 207 -6.42 2.95 3.80
C GLU A 207 -7.66 2.29 4.40
N TYR A 208 -8.63 3.13 4.80
CA TYR A 208 -9.89 2.61 5.33
C TYR A 208 -11.05 3.32 4.67
N VAL A 209 -12.11 2.56 4.39
CA VAL A 209 -13.34 3.16 3.88
C VAL A 209 -13.94 4.07 4.95
N ILE A 210 -14.49 5.19 4.52
CA ILE A 210 -15.27 6.03 5.42
C ILE A 210 -16.69 6.04 4.86
N PRO A 211 -17.52 5.07 5.24
CA PRO A 211 -18.86 4.98 4.66
C PRO A 211 -19.65 6.24 4.99
N PHE A 212 -20.09 6.94 3.95
CA PHE A 212 -20.63 8.27 4.20
C PHE A 212 -21.87 8.25 5.07
N GLU A 213 -22.72 7.22 4.93
CA GLU A 213 -23.93 7.20 5.75
C GLU A 213 -23.59 7.05 7.23
N SER A 214 -22.51 6.31 7.54
CA SER A 214 -22.07 6.19 8.93
C SER A 214 -21.41 7.48 9.41
N PHE A 215 -20.58 8.09 8.56
CA PHE A 215 -20.02 9.42 8.84
C PHE A 215 -21.12 10.41 9.20
N ARG A 216 -22.16 10.50 8.34
CA ARG A 216 -23.24 11.45 8.56
C ARG A 216 -24.00 11.14 9.85
N SER A 217 -24.27 9.85 10.10
N SER A 217 -24.25 9.86 10.14
CA SER A 217 -25.06 9.49 11.27
CA SER A 217 -25.09 9.58 11.29
C SER A 217 -24.31 9.83 12.56
C SER A 217 -24.33 9.74 12.60
N LEU A 218 -23.01 9.51 12.60
CA LEU A 218 -22.21 9.81 13.78
C LEU A 218 -22.07 11.31 13.96
N ALA A 219 -21.85 12.04 12.87
CA ALA A 219 -21.75 13.50 12.95
C ALA A 219 -23.01 14.10 13.55
N ASP A 220 -24.17 13.62 13.12
CA ASP A 220 -25.43 14.07 13.70
C ASP A 220 -25.49 13.77 15.20
N GLU A 221 -25.10 12.54 15.58
CA GLU A 221 -25.07 12.19 17.00
C GLU A 221 -24.22 13.18 17.79
N TYR A 222 -23.16 13.71 17.20
CA TYR A 222 -22.26 14.62 17.89
C TYR A 222 -22.63 16.10 17.68
N GLY A 223 -23.72 16.38 16.96
CA GLY A 223 -24.28 17.71 16.90
C GLY A 223 -24.06 18.45 15.60
N MET A 224 -23.65 17.78 14.54
CA MET A 224 -23.38 18.42 13.27
C MET A 224 -24.35 17.91 12.22
N GLU A 225 -24.82 18.82 11.37
CA GLU A 225 -25.69 18.45 10.27
C GLU A 225 -24.99 18.66 8.92
N LEU A 226 -25.32 17.79 7.97
CA LEU A 226 -24.65 17.79 6.67
C LEU A 226 -24.97 19.07 5.90
N GLU A 227 -23.94 19.67 5.32
CA GLU A 227 -24.07 20.82 4.45
C GLU A 227 -23.64 20.55 3.01
N LEU A 228 -22.74 19.60 2.79
CA LEU A 228 -22.14 19.43 1.46
C LEU A 228 -21.65 18.00 1.33
N GLN A 229 -21.95 17.35 0.19
CA GLN A 229 -21.40 16.03 -0.05
C GLN A 229 -21.04 15.82 -1.52
N LYS A 230 -20.73 16.90 -2.23
CA LYS A 230 -20.52 16.82 -3.67
C LYS A 230 -19.20 16.14 -4.00
N GLY A 231 -19.26 15.16 -4.91
CA GLY A 231 -18.05 14.58 -5.45
C GLY A 231 -17.20 15.62 -6.16
N PHE A 232 -15.90 15.31 -6.28
CA PHE A 232 -14.98 16.26 -6.89
C PHE A 232 -15.43 16.69 -8.29
N ASN A 233 -15.93 15.74 -9.07
CA ASN A 233 -16.34 16.05 -10.44
C ASN A 233 -17.43 17.11 -10.47
N GLU A 234 -18.51 16.89 -9.73
CA GLU A 234 -19.61 17.85 -9.75
CA GLU A 234 -19.63 17.84 -9.72
C GLU A 234 -19.22 19.15 -9.06
N PHE A 235 -18.48 19.07 -7.94
CA PHE A 235 -18.02 20.27 -7.26
C PHE A 235 -17.18 21.15 -8.19
N PHE A 236 -16.24 20.54 -8.90
CA PHE A 236 -15.37 21.32 -9.78
C PHE A 236 -16.16 21.93 -10.94
N VAL A 237 -16.98 21.13 -11.62
CA VAL A 237 -17.69 21.62 -12.80
C VAL A 237 -18.61 22.76 -12.42
N GLU A 238 -19.23 22.66 -11.25
CA GLU A 238 -20.18 23.69 -10.83
C GLU A 238 -19.47 24.97 -10.42
N GLU A 239 -18.32 24.85 -9.76
CA GLU A 239 -17.65 26.00 -9.16
C GLU A 239 -16.62 26.65 -10.08
N ILE A 240 -16.06 25.89 -11.03
CA ILE A 240 -14.93 26.42 -11.81
C ILE A 240 -15.30 27.68 -12.62
N PRO A 241 -16.51 27.83 -13.19
CA PRO A 241 -16.76 29.06 -13.97
C PRO A 241 -16.58 30.32 -13.16
N ASN A 242 -16.91 30.29 -11.87
CA ASN A 242 -16.83 31.44 -10.98
C ASN A 242 -15.43 31.68 -10.46
N TRP A 243 -14.49 30.79 -10.74
CA TRP A 243 -13.16 30.80 -10.15
C TRP A 243 -12.02 30.92 -11.14
N VAL A 244 -12.20 30.42 -12.38
CA VAL A 244 -11.16 30.36 -13.41
C VAL A 244 -10.34 31.64 -13.40
N ASN A 245 -11.03 32.78 -13.45
CA ASN A 245 -10.36 34.05 -13.63
C ASN A 245 -10.00 34.72 -12.32
N ARG A 246 -10.42 34.14 -11.19
CA ARG A 246 -9.93 34.60 -9.89
C ARG A 246 -8.61 33.96 -9.52
N PHE A 247 -8.26 32.84 -10.16
CA PHE A 247 -6.99 32.18 -9.92
C PHE A 247 -5.83 33.00 -10.46
N SER A 248 -4.65 32.76 -9.88
CA SER A 248 -3.43 33.31 -10.45
C SER A 248 -3.20 32.73 -11.84
N PRO A 249 -2.46 33.43 -12.70
CA PRO A 249 -2.10 32.85 -14.00
C PRO A 249 -1.44 31.49 -13.89
N LYS A 250 -0.60 31.27 -12.88
CA LYS A 250 0.05 29.97 -12.78
C LYS A 250 -0.94 28.88 -12.35
N MET A 251 -1.83 29.19 -11.42
CA MET A 251 -2.84 28.20 -11.05
CA MET A 251 -2.86 28.23 -11.04
C MET A 251 -3.74 27.86 -12.23
N ARG A 252 -4.14 28.87 -13.01
CA ARG A 252 -5.00 28.63 -14.17
C ARG A 252 -4.28 27.77 -15.20
N GLU A 253 -3.00 28.07 -15.45
CA GLU A 253 -2.26 27.32 -16.46
C GLU A 253 -2.06 25.87 -16.04
N GLY A 254 -1.81 25.64 -14.74
CA GLY A 254 -1.66 24.29 -14.25
C GLY A 254 -2.91 23.44 -14.36
N LEU A 255 -4.08 24.07 -14.45
CA LEU A 255 -5.34 23.36 -14.56
C LEU A 255 -5.73 23.06 -16.00
N LYS A 256 -4.95 23.53 -16.97
CA LYS A 256 -5.30 23.36 -18.38
C LYS A 256 -5.26 21.90 -18.80
N ARG A 257 -6.30 21.47 -19.50
CA ARG A 257 -6.31 20.20 -20.23
C ARG A 257 -5.77 20.42 -21.65
N SER A 258 -5.56 19.31 -22.36
CA SER A 258 -5.06 19.38 -23.72
C SER A 258 -6.01 20.11 -24.66
N ASP A 259 -7.30 20.18 -24.33
CA ASP A 259 -8.27 20.90 -25.14
C ASP A 259 -8.49 22.33 -24.65
N GLY A 260 -7.72 22.79 -23.66
CA GLY A 260 -7.90 24.13 -23.13
C GLY A 260 -8.97 24.27 -22.08
N ARG A 261 -9.79 23.24 -21.86
CA ARG A 261 -10.69 23.29 -20.73
C ARG A 261 -9.89 23.03 -19.45
N TYR A 262 -10.54 23.17 -18.31
CA TYR A 262 -9.86 23.12 -17.03
C TYR A 262 -10.28 21.87 -16.26
N GLY A 263 -9.30 21.26 -15.60
CA GLY A 263 -9.56 20.10 -14.79
C GLY A 263 -8.57 18.99 -15.06
N VAL A 264 -9.02 17.75 -14.98
CA VAL A 264 -8.18 16.60 -15.32
C VAL A 264 -8.74 15.95 -16.58
N GLU A 265 -8.09 14.89 -17.05
CA GLU A 265 -8.31 14.42 -18.40
C GLU A 265 -7.87 12.97 -18.52
N GLY A 266 -8.61 12.20 -19.32
CA GLY A 266 -8.17 10.84 -19.64
C GLY A 266 -8.14 9.93 -18.43
N VAL A 267 -7.02 9.21 -18.26
CA VAL A 267 -6.85 8.28 -17.16
C VAL A 267 -6.84 8.97 -15.80
N GLU A 268 -6.63 10.28 -15.76
CA GLU A 268 -6.66 11.01 -14.49
C GLU A 268 -8.08 11.24 -13.98
N LYS A 269 -9.09 11.21 -14.84
CA LYS A 269 -10.43 11.63 -14.43
C LYS A 269 -10.98 10.74 -13.32
N GLU A 270 -10.87 9.42 -13.46
CA GLU A 270 -11.48 8.57 -12.44
C GLU A 270 -10.78 8.67 -11.09
N PRO A 271 -9.47 8.49 -10.97
CA PRO A 271 -8.85 8.63 -9.64
C PRO A 271 -8.90 10.04 -9.09
N ALA A 272 -8.90 11.07 -9.94
CA ALA A 272 -8.84 12.41 -9.39
C ALA A 272 -10.21 12.98 -9.08
N ALA A 273 -11.21 12.66 -9.89
CA ALA A 273 -12.51 13.33 -9.82
C ALA A 273 -13.69 12.45 -9.40
N TYR A 274 -13.62 11.13 -9.60
CA TYR A 274 -14.68 10.26 -9.11
C TYR A 274 -14.35 9.57 -7.80
N PHE A 275 -13.08 9.29 -7.54
CA PHE A 275 -12.73 8.57 -6.32
C PHE A 275 -12.91 9.43 -5.06
N TYR A 276 -12.86 10.76 -5.18
CA TYR A 276 -12.91 11.64 -4.03
C TYR A 276 -14.17 12.48 -3.98
N THR A 277 -14.55 12.88 -2.77
CA THR A 277 -15.70 13.75 -2.55
C THR A 277 -15.36 14.81 -1.52
N THR A 278 -16.01 15.96 -1.66
CA THR A 278 -15.99 16.96 -0.60
C THR A 278 -16.98 16.57 0.49
N PHE A 279 -16.81 17.17 1.67
CA PHE A 279 -17.82 17.09 2.72
C PHE A 279 -17.81 18.39 3.49
N ALA A 280 -18.95 18.72 4.08
CA ALA A 280 -19.02 19.85 4.99
C ALA A 280 -20.20 19.64 5.91
N PHE A 281 -19.99 19.93 7.19
CA PHE A 281 -21.02 19.88 8.21
C PHE A 281 -21.01 21.21 8.95
N ARG A 282 -22.18 21.56 9.52
CA ARG A 282 -22.27 22.70 10.43
C ARG A 282 -22.64 22.20 11.82
N LYS A 283 -21.91 22.68 12.83
CA LYS A 283 -22.23 22.33 14.22
C LYS A 283 -23.44 23.15 14.62
N VAL A 284 -24.56 22.48 14.88
CA VAL A 284 -25.81 23.17 15.17
C VAL A 284 -26.26 23.03 16.61
N ARG A 285 -25.67 22.12 17.38
CA ARG A 285 -26.06 21.96 18.78
C ARG A 285 -24.86 21.43 19.56
N ASP A 286 -24.87 21.72 20.86
CA ASP A 286 -23.81 21.18 21.70
C ASP A 286 -24.07 19.70 21.97
N TYR A 287 -22.99 18.96 22.23
CA TYR A 287 -23.08 17.51 22.35
C TYR A 287 -23.27 17.09 23.80
N GLN A 288 -24.30 16.27 24.03
CA GLN A 288 -24.55 15.68 25.34
C GLN A 288 -24.33 14.17 25.31
N SER B 1 21.52 4.12 -10.97
CA SER B 1 20.63 4.55 -9.89
C SER B 1 20.45 3.44 -8.86
N PRO B 2 20.12 3.81 -7.63
CA PRO B 2 19.86 2.77 -6.61
C PRO B 2 18.80 1.77 -7.01
N ILE B 3 17.71 2.23 -7.62
CA ILE B 3 16.62 1.32 -7.93
C ILE B 3 17.03 0.36 -9.05
N ILE B 4 17.82 0.83 -10.03
CA ILE B 4 18.27 -0.06 -11.09
C ILE B 4 19.20 -1.15 -10.52
N LYS B 5 20.11 -0.76 -9.63
CA LYS B 5 20.98 -1.76 -9.03
C LYS B 5 20.19 -2.74 -8.16
N LEU B 6 19.14 -2.26 -7.50
CA LEU B 6 18.28 -3.15 -6.73
C LEU B 6 17.70 -4.24 -7.61
N ARG B 7 17.09 -3.85 -8.74
CA ARG B 7 16.42 -4.84 -9.60
C ARG B 7 17.43 -5.82 -10.18
N ASN B 8 18.60 -5.32 -10.59
CA ASN B 8 19.63 -6.20 -11.13
C ASN B 8 20.09 -7.19 -10.07
N PHE B 9 20.25 -6.73 -8.83
CA PHE B 9 20.66 -7.62 -7.76
C PHE B 9 19.60 -8.68 -7.47
N ASN B 10 18.32 -8.27 -7.42
CA ASN B 10 17.25 -9.25 -7.22
C ASN B 10 17.21 -10.26 -8.35
N ASN B 11 17.44 -9.80 -9.59
CA ASN B 11 17.50 -10.71 -10.72
C ASN B 11 18.66 -11.69 -10.59
N ALA B 12 19.83 -11.19 -10.17
CA ALA B 12 20.97 -12.08 -9.94
C ALA B 12 20.65 -13.14 -8.88
N ILE B 13 19.97 -12.75 -7.81
CA ILE B 13 19.60 -13.71 -6.77
C ILE B 13 18.74 -14.82 -7.38
N LYS B 14 17.83 -14.46 -8.27
CA LYS B 14 16.95 -15.48 -8.85
C LYS B 14 17.70 -16.40 -9.79
N TYR B 15 18.61 -15.85 -10.61
CA TYR B 15 19.47 -16.69 -11.44
C TYR B 15 20.20 -17.73 -10.59
N ILE B 16 20.83 -17.28 -9.50
CA ILE B 16 21.61 -18.17 -8.66
C ILE B 16 20.72 -19.20 -7.97
N LEU B 17 19.59 -18.74 -7.40
CA LEU B 17 18.75 -19.64 -6.63
C LEU B 17 18.10 -20.69 -7.54
N ILE B 18 17.57 -20.27 -8.69
CA ILE B 18 16.93 -21.22 -9.58
C ILE B 18 17.93 -22.26 -10.09
N ASP B 19 19.16 -21.83 -10.39
CA ASP B 19 20.17 -22.77 -10.86
C ASP B 19 20.57 -23.75 -9.75
N LYS B 20 20.48 -23.31 -8.49
CA LYS B 20 20.96 -24.12 -7.39
C LYS B 20 20.13 -25.38 -7.22
N PHE B 21 18.82 -25.28 -7.43
CA PHE B 21 17.90 -26.36 -7.12
C PHE B 21 17.27 -27.03 -8.33
N THR B 22 17.26 -26.37 -9.49
CA THR B 22 16.60 -26.92 -10.67
C THR B 22 17.58 -27.80 -11.47
N ARG B 23 17.09 -28.94 -11.92
CA ARG B 23 17.92 -29.93 -12.61
C ARG B 23 17.35 -30.26 -13.98
N ALA B 24 18.23 -30.70 -14.88
CA ALA B 24 17.80 -31.08 -16.22
C ALA B 24 16.77 -32.20 -16.15
N GLY B 25 15.73 -32.08 -16.99
CA GLY B 25 14.60 -33.00 -16.97
C GLY B 25 13.50 -32.67 -15.99
N ASP B 26 13.69 -31.70 -15.09
CA ASP B 26 12.72 -31.43 -14.04
C ASP B 26 11.39 -30.93 -14.60
N VAL B 27 10.31 -31.27 -13.90
CA VAL B 27 9.03 -30.57 -14.02
C VAL B 27 8.99 -29.52 -12.93
N VAL B 28 8.77 -28.26 -13.32
CA VAL B 28 8.76 -27.12 -12.40
C VAL B 28 7.33 -26.60 -12.26
N LEU B 29 6.90 -26.41 -11.02
CA LEU B 29 5.69 -25.67 -10.70
C LEU B 29 6.11 -24.33 -10.10
N GLU B 30 5.76 -23.23 -10.76
CA GLU B 30 6.05 -21.91 -10.20
C GLU B 30 4.76 -21.25 -9.74
N LEU B 31 4.64 -21.09 -8.42
CA LEU B 31 3.49 -20.41 -7.83
C LEU B 31 3.67 -18.90 -7.96
N ALA B 32 2.58 -18.20 -8.24
CA ALA B 32 2.59 -16.74 -8.33
C ALA B 32 3.67 -16.28 -9.32
N CYS B 33 3.62 -16.87 -10.51
CA CYS B 33 4.67 -16.72 -11.52
C CYS B 33 4.67 -15.35 -12.16
N GLY B 34 3.66 -14.53 -11.88
CA GLY B 34 3.61 -13.21 -12.47
C GLY B 34 3.45 -13.30 -13.98
N LYS B 35 4.21 -12.48 -14.68
CA LYS B 35 4.20 -12.44 -16.14
C LYS B 35 5.14 -13.46 -16.77
N GLY B 36 5.58 -14.46 -16.01
CA GLY B 36 6.46 -15.48 -16.54
C GLY B 36 7.89 -15.03 -16.78
N GLY B 37 8.33 -13.97 -16.12
CA GLY B 37 9.62 -13.36 -16.40
C GLY B 37 10.83 -14.19 -16.05
N ASP B 38 10.63 -15.28 -15.30
CA ASP B 38 11.72 -16.19 -14.93
C ASP B 38 11.70 -17.49 -15.71
N LEU B 39 10.81 -17.61 -16.71
CA LEU B 39 10.68 -18.86 -17.45
C LEU B 39 12.01 -19.30 -18.06
N ARG B 40 12.74 -18.37 -18.67
CA ARG B 40 14.01 -18.67 -19.33
C ARG B 40 15.06 -19.15 -18.34
N LYS B 41 14.98 -18.73 -17.08
CA LYS B 41 15.92 -19.19 -16.07
C LYS B 41 15.77 -20.69 -15.83
N TYR B 42 14.53 -21.16 -15.68
CA TYR B 42 14.30 -22.61 -15.58
C TYR B 42 14.72 -23.30 -16.87
N GLY B 43 14.39 -22.69 -18.02
CA GLY B 43 14.78 -23.26 -19.29
C GLY B 43 16.28 -23.49 -19.39
N ALA B 44 17.07 -22.54 -18.86
CA ALA B 44 18.52 -22.70 -18.91
C ALA B 44 18.97 -23.93 -18.13
N ALA B 45 18.17 -24.41 -17.20
CA ALA B 45 18.52 -25.61 -16.45
C ALA B 45 18.22 -26.88 -17.21
N GLY B 46 17.53 -26.80 -18.35
CA GLY B 46 17.23 -27.99 -19.10
C GLY B 46 15.98 -28.71 -18.64
N ILE B 47 15.02 -27.98 -18.06
CA ILE B 47 13.78 -28.59 -17.59
C ILE B 47 13.02 -29.24 -18.74
N SER B 48 12.08 -30.13 -18.38
CA SER B 48 11.22 -30.77 -19.35
C SER B 48 9.84 -30.12 -19.45
N GLN B 49 9.33 -29.56 -18.35
CA GLN B 49 8.03 -28.91 -18.37
C GLN B 49 7.96 -27.84 -17.29
N PHE B 50 7.38 -26.71 -17.65
CA PHE B 50 7.15 -25.59 -16.75
C PHE B 50 5.65 -25.37 -16.58
N ILE B 51 5.19 -25.30 -15.33
CA ILE B 51 3.82 -24.95 -15.00
C ILE B 51 3.85 -23.66 -14.18
N GLY B 52 3.26 -22.59 -14.72
CA GLY B 52 3.19 -21.31 -14.03
C GLY B 52 1.76 -20.96 -13.70
N ILE B 53 1.51 -20.62 -12.43
CA ILE B 53 0.17 -20.27 -11.97
C ILE B 53 0.22 -18.91 -11.30
N ASP B 54 -0.71 -18.02 -11.66
CA ASP B 54 -0.84 -16.75 -10.98
C ASP B 54 -2.32 -16.38 -10.89
N ILE B 55 -2.68 -15.70 -9.80
CA ILE B 55 -4.09 -15.32 -9.61
C ILE B 55 -4.51 -14.16 -10.51
N SER B 56 -3.55 -13.44 -11.10
CA SER B 56 -3.84 -12.33 -12.00
C SER B 56 -4.05 -12.84 -13.43
N ASN B 57 -5.28 -12.73 -13.94
CA ASN B 57 -5.52 -13.08 -15.33
C ASN B 57 -4.73 -12.20 -16.27
N ALA B 58 -4.58 -10.91 -15.93
CA ALA B 58 -3.81 -9.99 -16.76
C ALA B 58 -2.36 -10.46 -16.93
N SER B 59 -1.72 -10.88 -15.84
CA SER B 59 -0.32 -11.29 -15.93
C SER B 59 -0.19 -12.59 -16.72
N ILE B 60 -1.08 -13.55 -16.50
CA ILE B 60 -1.02 -14.80 -17.25
C ILE B 60 -1.29 -14.55 -18.73
N THR B 61 -2.22 -13.65 -19.04
CA THR B 61 -2.44 -13.28 -20.43
C THR B 61 -1.15 -12.76 -21.05
N GLU B 62 -0.44 -11.88 -20.35
CA GLU B 62 0.83 -11.38 -20.86
C GLU B 62 1.85 -12.49 -20.99
N ALA B 63 1.89 -13.42 -20.02
CA ALA B 63 2.85 -14.52 -20.08
C ALA B 63 2.60 -15.43 -21.27
N LEU B 64 1.33 -15.71 -21.57
CA LEU B 64 1.02 -16.53 -22.74
C LEU B 64 1.43 -15.83 -24.02
N LYS B 65 1.20 -14.51 -24.11
CA LYS B 65 1.56 -13.80 -25.34
C LYS B 65 3.07 -13.86 -25.57
N ARG B 66 3.84 -13.75 -24.50
CA ARG B 66 5.29 -13.81 -24.62
C ARG B 66 5.77 -15.23 -24.92
N TYR B 67 5.18 -16.23 -24.27
CA TYR B 67 5.64 -17.60 -24.49
C TYR B 67 5.45 -18.02 -25.95
N HIS B 68 4.32 -17.63 -26.54
CA HIS B 68 4.07 -18.00 -27.93
C HIS B 68 5.08 -17.37 -28.88
N SER B 69 5.78 -16.32 -28.45
CA SER B 69 6.89 -15.78 -29.24
C SER B 69 8.15 -16.62 -29.14
N MET B 70 8.22 -17.55 -28.19
CA MET B 70 9.44 -18.31 -27.97
C MET B 70 9.50 -19.49 -28.92
N LYS B 71 10.62 -19.62 -29.61
CA LYS B 71 10.79 -20.58 -30.68
C LYS B 71 11.75 -21.68 -30.24
N ASN B 72 11.49 -22.90 -30.73
CA ASN B 72 12.39 -24.04 -30.56
C ASN B 72 12.67 -24.35 -29.09
N LEU B 73 11.66 -24.22 -28.24
CA LEU B 73 11.84 -24.58 -26.85
C LEU B 73 11.86 -26.09 -26.69
N GLU B 74 12.73 -26.58 -25.82
CA GLU B 74 12.85 -28.00 -25.55
C GLU B 74 11.93 -28.46 -24.44
N TYR B 75 11.21 -27.55 -23.80
CA TYR B 75 10.33 -27.88 -22.68
C TYR B 75 8.92 -27.39 -22.98
N GLN B 76 7.95 -28.06 -22.37
CA GLN B 76 6.56 -27.63 -22.46
C GLN B 76 6.31 -26.50 -21.49
N VAL B 77 5.45 -25.56 -21.88
CA VAL B 77 5.07 -24.45 -21.01
C VAL B 77 3.55 -24.48 -20.82
N ILE B 78 3.13 -24.49 -19.56
CA ILE B 78 1.72 -24.44 -19.17
C ILE B 78 1.54 -23.22 -18.28
N LEU B 79 0.61 -22.34 -18.65
CA LEU B 79 0.39 -21.09 -17.91
C LEU B 79 -1.09 -21.01 -17.52
N ILE B 80 -1.36 -20.79 -16.24
CA ILE B 80 -2.68 -20.98 -15.66
C ILE B 80 -3.05 -19.80 -14.78
N THR B 81 -4.25 -19.26 -14.96
CA THR B 81 -4.80 -18.32 -13.99
C THR B 81 -5.48 -19.09 -12.87
N GLY B 82 -5.00 -18.92 -11.65
CA GLY B 82 -5.51 -19.69 -10.54
C GLY B 82 -4.95 -19.22 -9.21
N ASP B 83 -5.65 -19.61 -8.14
CA ASP B 83 -5.30 -19.21 -6.78
C ASP B 83 -4.44 -20.30 -6.14
N CYS B 84 -3.18 -19.97 -5.85
CA CYS B 84 -2.25 -20.96 -5.30
C CYS B 84 -2.28 -21.04 -3.79
N PHE B 85 -2.92 -20.09 -3.10
CA PHE B 85 -2.85 -20.00 -1.65
C PHE B 85 -4.19 -20.20 -0.96
N GLY B 86 -5.27 -19.67 -1.51
CA GLY B 86 -6.55 -19.67 -0.83
C GLY B 86 -7.52 -20.70 -1.35
N GLU B 87 -7.08 -21.60 -2.23
CA GLU B 87 -7.91 -22.65 -2.78
C GLU B 87 -7.02 -23.84 -3.08
N SER B 88 -7.62 -25.04 -3.06
CA SER B 88 -6.88 -26.23 -3.45
C SER B 88 -6.33 -26.07 -4.85
N LEU B 89 -5.08 -26.50 -5.05
CA LEU B 89 -4.48 -26.38 -6.38
C LEU B 89 -5.19 -27.26 -7.40
N GLY B 90 -5.88 -28.32 -6.97
CA GLY B 90 -6.65 -29.11 -7.92
C GLY B 90 -7.64 -28.29 -8.73
N VAL B 91 -8.25 -27.28 -8.12
CA VAL B 91 -9.16 -26.41 -8.84
C VAL B 91 -8.45 -25.72 -10.00
N ALA B 92 -7.25 -25.19 -9.76
CA ALA B 92 -6.57 -24.41 -10.78
C ALA B 92 -6.13 -25.28 -11.96
N VAL B 93 -5.65 -26.49 -11.69
CA VAL B 93 -5.04 -27.32 -12.74
C VAL B 93 -6.00 -28.33 -13.34
N GLU B 94 -7.26 -28.33 -12.91
CA GLU B 94 -8.23 -29.32 -13.39
C GLU B 94 -8.40 -29.26 -14.90
N SER B 95 -8.41 -28.06 -15.46
CA SER B 95 -8.61 -27.90 -16.90
C SER B 95 -7.34 -28.17 -17.69
N PHE B 96 -6.23 -28.50 -17.03
CA PHE B 96 -4.93 -28.66 -17.68
C PHE B 96 -4.37 -30.04 -17.38
N PRO B 97 -4.96 -31.10 -17.96
CA PRO B 97 -4.49 -32.45 -17.66
C PRO B 97 -3.08 -32.73 -18.14
N GLU B 98 -2.49 -31.86 -18.94
CA GLU B 98 -1.12 -32.06 -19.42
C GLU B 98 -0.07 -31.82 -18.34
N CYS B 99 -0.43 -31.22 -17.21
CA CYS B 99 0.54 -31.03 -16.13
C CYS B 99 1.06 -32.39 -15.67
N ARG B 100 2.38 -32.50 -15.55
CA ARG B 100 3.02 -33.76 -15.19
C ARG B 100 3.38 -33.80 -13.71
N PHE B 101 2.33 -33.92 -12.87
CA PHE B 101 2.54 -34.13 -11.44
C PHE B 101 2.88 -35.59 -11.15
N PRO B 102 3.63 -35.87 -10.08
CA PRO B 102 4.23 -34.92 -9.14
C PRO B 102 5.42 -34.22 -9.76
N CYS B 103 5.59 -32.94 -9.44
CA CYS B 103 6.67 -32.18 -10.02
CA CYS B 103 6.65 -32.10 -9.95
C CYS B 103 7.95 -32.38 -9.22
N ASP B 104 9.06 -31.97 -9.83
CA ASP B 104 10.36 -32.07 -9.18
C ASP B 104 10.67 -30.86 -8.32
N ILE B 105 10.14 -29.69 -8.67
CA ILE B 105 10.46 -28.43 -8.04
C ILE B 105 9.18 -27.63 -7.85
N VAL B 106 9.02 -27.01 -6.69
CA VAL B 106 8.04 -25.93 -6.53
C VAL B 106 8.80 -24.67 -6.17
N SER B 107 8.57 -23.61 -6.94
CA SER B 107 9.27 -22.35 -6.74
CA SER B 107 9.27 -22.35 -6.74
C SER B 107 8.25 -21.23 -6.55
N CYS B 108 8.57 -20.26 -5.69
CA CYS B 108 7.69 -19.11 -5.49
C CYS B 108 8.54 -17.90 -5.15
N GLN B 109 8.57 -16.91 -6.03
CA GLN B 109 9.46 -15.75 -5.88
C GLN B 109 8.66 -14.53 -5.48
N PHE B 110 9.01 -13.93 -4.34
CA PHE B 110 8.49 -12.61 -3.94
C PHE B 110 6.96 -12.62 -3.81
N ALA B 111 6.42 -13.69 -3.24
CA ALA B 111 4.97 -13.79 -3.15
C ALA B 111 4.44 -14.66 -2.01
N LEU B 112 5.26 -15.60 -1.48
CA LEU B 112 4.69 -16.58 -0.56
C LEU B 112 4.17 -15.92 0.71
N HIS B 113 4.72 -14.76 1.07
CA HIS B 113 4.26 -14.10 2.29
C HIS B 113 2.78 -13.70 2.20
N TYR B 114 2.23 -13.54 1.00
CA TYR B 114 0.80 -13.26 0.92
C TYR B 114 -0.04 -14.40 1.47
N ALA B 115 0.51 -15.61 1.52
CA ALA B 115 -0.24 -16.71 2.11
C ALA B 115 -0.37 -16.59 3.62
N PHE B 116 0.44 -15.75 4.26
CA PHE B 116 0.36 -15.61 5.71
C PHE B 116 -0.69 -14.60 6.15
N GLU B 117 -1.59 -14.21 5.24
CA GLU B 117 -2.75 -13.43 5.62
C GLU B 117 -3.54 -14.09 6.76
N THR B 118 -3.71 -15.41 6.69
CA THR B 118 -4.37 -16.16 7.74
C THR B 118 -3.68 -17.51 7.89
N GLU B 119 -3.88 -18.15 9.03
CA GLU B 119 -3.38 -19.51 9.22
C GLU B 119 -4.01 -20.45 8.21
N GLU B 120 -5.30 -20.27 7.93
CA GLU B 120 -5.97 -21.09 6.92
C GLU B 120 -5.28 -21.03 5.57
N LYS B 121 -4.86 -19.82 5.16
CA LYS B 121 -4.23 -19.69 3.85
C LYS B 121 -2.79 -20.20 3.87
N ALA B 122 -2.09 -20.02 4.99
CA ALA B 122 -0.75 -20.56 5.10
C ALA B 122 -0.76 -22.08 4.98
N ARG B 123 -1.70 -22.72 5.69
CA ARG B 123 -1.84 -24.17 5.64
C ARG B 123 -2.33 -24.66 4.27
N ARG B 124 -3.21 -23.89 3.62
CA ARG B 124 -3.68 -24.28 2.29
C ARG B 124 -2.54 -24.21 1.28
N MET B 125 -1.69 -23.18 1.39
CA MET B 125 -0.52 -23.06 0.53
C MET B 125 0.42 -24.24 0.74
N LEU B 126 0.72 -24.56 1.99
CA LEU B 126 1.63 -25.66 2.27
C LEU B 126 1.07 -27.00 1.79
N LEU B 127 -0.22 -27.24 1.99
CA LEU B 127 -0.84 -28.46 1.48
C LEU B 127 -0.78 -28.50 -0.03
N ASN B 128 -1.04 -27.37 -0.70
CA ASN B 128 -0.88 -27.30 -2.15
C ASN B 128 0.53 -27.69 -2.58
N VAL B 129 1.54 -27.18 -1.87
CA VAL B 129 2.93 -27.43 -2.27
C VAL B 129 3.30 -28.90 -2.11
N VAL B 130 3.01 -29.50 -0.96
CA VAL B 130 3.51 -30.85 -0.74
C VAL B 130 2.74 -31.85 -1.58
N LYS B 131 1.44 -31.63 -1.82
CA LYS B 131 0.68 -32.53 -2.68
C LYS B 131 1.15 -32.48 -4.12
N SER B 132 1.80 -31.38 -4.55
CA SER B 132 2.27 -31.27 -5.93
CA SER B 132 2.26 -31.28 -5.92
C SER B 132 3.65 -31.86 -6.12
N LEU B 133 4.43 -32.01 -5.05
CA LEU B 133 5.86 -32.29 -5.11
C LEU B 133 6.18 -33.75 -4.90
N LYS B 134 7.17 -34.25 -5.65
CA LYS B 134 7.66 -35.60 -5.42
C LYS B 134 8.36 -35.69 -4.07
N ILE B 135 8.36 -36.89 -3.49
CA ILE B 135 9.22 -37.14 -2.35
C ILE B 135 10.66 -36.93 -2.79
N GLY B 136 11.42 -36.18 -1.98
CA GLY B 136 12.77 -35.81 -2.35
C GLY B 136 12.88 -34.57 -3.20
N GLY B 137 11.75 -33.96 -3.60
CA GLY B 137 11.77 -32.72 -4.35
C GLY B 137 11.98 -31.50 -3.46
N TYR B 138 12.22 -30.36 -4.10
CA TYR B 138 12.57 -29.13 -3.40
C TYR B 138 11.52 -28.05 -3.61
N PHE B 139 11.29 -27.29 -2.55
CA PHE B 139 10.40 -26.12 -2.52
C PHE B 139 11.28 -24.92 -2.17
N PHE B 140 11.40 -23.96 -3.08
CA PHE B 140 12.31 -22.86 -2.82
C PHE B 140 11.76 -21.52 -3.29
N GLY B 141 12.34 -20.44 -2.80
CA GLY B 141 11.90 -19.11 -3.21
C GLY B 141 12.53 -18.01 -2.39
N THR B 142 11.86 -16.85 -2.43
CA THR B 142 12.36 -15.59 -1.89
C THR B 142 11.22 -14.87 -1.19
N ILE B 143 11.46 -14.47 0.06
CA ILE B 143 10.42 -13.82 0.87
C ILE B 143 11.07 -12.70 1.69
N PRO B 144 10.27 -11.71 2.10
CA PRO B 144 10.79 -10.74 3.06
C PRO B 144 11.26 -11.45 4.32
N ASP B 145 12.33 -10.95 4.91
CA ASP B 145 12.98 -11.58 6.04
C ASP B 145 12.36 -11.06 7.32
N SER B 146 11.54 -11.91 7.96
CA SER B 146 10.90 -11.54 9.22
C SER B 146 11.92 -11.15 10.29
N GLU B 147 13.14 -11.69 10.23
CA GLU B 147 14.13 -11.38 11.27
C GLU B 147 14.68 -9.98 11.10
N PHE B 148 14.78 -9.49 9.85
CA PHE B 148 15.18 -8.10 9.65
C PHE B 148 14.04 -7.16 10.02
N ILE B 149 12.81 -7.54 9.66
CA ILE B 149 11.62 -6.79 10.06
C ILE B 149 11.56 -6.64 11.58
N ARG B 150 11.77 -7.74 12.30
CA ARG B 150 11.72 -7.67 13.76
C ARG B 150 12.80 -6.74 14.31
N TYR B 151 14.00 -6.80 13.72
CA TYR B 151 15.08 -5.91 14.14
C TYR B 151 14.66 -4.45 14.04
N LYS B 152 14.04 -4.08 12.92
CA LYS B 152 13.59 -2.70 12.75
C LYS B 152 12.46 -2.39 13.74
N MET B 153 11.53 -3.33 13.90
CA MET B 153 10.41 -3.11 14.80
C MET B 153 10.89 -2.96 16.26
N ASN B 154 11.94 -3.67 16.65
CA ASN B 154 12.44 -3.57 18.01
C ASN B 154 13.08 -2.23 18.31
N LYS B 155 13.44 -1.45 17.29
CA LYS B 155 14.01 -0.13 17.49
C LYS B 155 12.96 0.96 17.54
N ILE B 156 11.68 0.64 17.40
CA ILE B 156 10.61 1.62 17.34
C ILE B 156 9.84 1.59 18.66
N PRO B 157 9.76 2.70 19.40
CA PRO B 157 9.07 2.65 20.70
C PRO B 157 7.57 2.46 20.55
N GLU B 158 6.97 1.96 21.63
CA GLU B 158 5.53 1.71 21.66
C GLU B 158 4.72 2.99 21.48
N SER B 159 5.32 4.16 21.69
CA SER B 159 4.58 5.41 21.51
C SER B 159 4.22 5.68 20.05
N VAL B 160 4.84 5.00 19.10
CA VAL B 160 4.56 5.23 17.68
C VAL B 160 3.33 4.41 17.29
N GLU B 161 2.26 5.09 16.88
CA GLU B 161 1.02 4.41 16.56
C GLU B 161 1.18 3.46 15.39
N LYS B 162 1.88 3.91 14.33
CA LYS B 162 2.04 3.17 13.08
CA LYS B 162 2.03 3.17 13.08
C LYS B 162 3.52 2.99 12.81
N PRO B 163 4.13 1.92 13.32
CA PRO B 163 5.58 1.74 13.13
C PRO B 163 6.00 1.79 11.68
N SER B 164 7.04 2.58 11.40
CA SER B 164 7.48 2.76 10.03
C SER B 164 8.98 2.99 10.01
N TRP B 165 9.61 2.52 8.92
CA TRP B 165 11.03 2.77 8.67
C TRP B 165 11.25 2.76 7.17
N GLY B 166 12.41 3.27 6.76
CA GLY B 166 12.80 3.17 5.37
C GLY B 166 13.98 4.09 5.10
N ASN B 167 14.17 4.40 3.82
CA ASN B 167 15.19 5.34 3.39
C ASN B 167 14.66 6.04 2.15
N SER B 168 15.56 6.58 1.33
CA SER B 168 15.12 7.44 0.24
C SER B 168 14.39 6.68 -0.85
N ILE B 169 14.53 5.35 -0.93
CA ILE B 169 13.89 4.61 -2.01
C ILE B 169 12.88 3.58 -1.53
N TYR B 170 12.72 3.37 -0.22
CA TYR B 170 11.67 2.45 0.25
C TYR B 170 11.16 2.87 1.63
N LYS B 171 9.96 2.39 1.96
CA LYS B 171 9.35 2.66 3.25
C LYS B 171 8.35 1.55 3.60
N VAL B 172 8.43 1.05 4.83
CA VAL B 172 7.52 0.05 5.36
C VAL B 172 6.67 0.72 6.44
N THR B 173 5.35 0.51 6.38
CA THR B 173 4.42 1.10 7.35
C THR B 173 3.47 0.03 7.85
N PHE B 174 3.57 -0.30 9.13
CA PHE B 174 2.67 -1.29 9.72
C PHE B 174 1.29 -0.71 10.04
N SER B 175 0.28 -1.58 9.96
CA SER B 175 -1.10 -1.12 10.18
CA SER B 175 -1.09 -1.12 10.18
C SER B 175 -1.34 -0.74 11.63
N ASN B 176 -0.62 -1.37 12.57
CA ASN B 176 -0.76 -1.02 13.98
C ASN B 176 0.54 -1.34 14.71
N ASN B 177 0.59 -0.99 16.00
CA ASN B 177 1.74 -1.25 16.85
C ASN B 177 1.47 -2.34 17.87
N GLU B 178 0.64 -3.33 17.51
CA GLU B 178 0.37 -4.42 18.44
C GLU B 178 1.65 -5.20 18.76
N TYR B 179 2.62 -5.22 17.85
CA TYR B 179 3.91 -5.83 18.13
C TYR B 179 4.58 -5.16 19.33
N GLN B 180 4.71 -3.83 19.28
CA GLN B 180 5.36 -3.11 20.37
C GLN B 180 4.54 -3.19 21.66
N LYS B 181 3.21 -3.21 21.55
CA LYS B 181 2.36 -3.30 22.72
C LYS B 181 2.41 -4.68 23.36
N ASN B 182 2.90 -5.68 22.64
CA ASN B 182 2.95 -7.06 23.09
C ASN B 182 4.37 -7.47 23.46
N GLY B 183 5.15 -6.54 23.98
CA GLY B 183 6.53 -6.84 24.36
C GLY B 183 7.41 -7.18 23.19
N ASN B 184 7.25 -6.46 22.07
CA ASN B 184 7.99 -6.67 20.83
C ASN B 184 7.85 -8.12 20.36
N GLU B 185 6.60 -8.52 20.16
CA GLU B 185 6.23 -9.85 19.70
C GLU B 185 4.93 -9.72 18.93
N PHE B 186 4.84 -10.39 17.79
CA PHE B 186 3.57 -10.37 17.07
C PHE B 186 2.51 -11.15 17.84
N PRO B 187 1.27 -10.63 17.96
CA PRO B 187 0.24 -11.36 18.71
C PRO B 187 -0.16 -12.67 18.05
N SER B 188 0.15 -12.83 16.77
CA SER B 188 -0.15 -14.00 15.97
C SER B 188 0.86 -14.06 14.86
N PRO B 189 1.26 -15.25 14.39
CA PRO B 189 2.15 -15.30 13.22
C PRO B 189 1.48 -14.81 11.96
N PHE B 190 0.16 -14.77 11.93
CA PHE B 190 -0.60 -14.54 10.70
C PHE B 190 -1.32 -13.20 10.75
N GLY B 191 -1.56 -12.66 9.55
CA GLY B 191 -2.34 -11.42 9.43
C GLY B 191 -1.65 -10.16 9.90
N GLN B 192 -0.33 -10.18 10.07
CA GLN B 192 0.38 -9.00 10.53
C GLN B 192 0.71 -8.15 9.30
N MET B 193 -0.07 -7.09 9.11
CA MET B 193 -0.13 -6.39 7.83
C MET B 193 0.69 -5.11 7.83
N TYR B 194 1.40 -4.88 6.73
CA TYR B 194 2.07 -3.61 6.49
C TYR B 194 1.89 -3.23 5.02
N THR B 195 2.24 -2.00 4.68
CA THR B 195 2.38 -1.58 3.30
C THR B 195 3.84 -1.34 2.97
N PHE B 196 4.20 -1.57 1.72
CA PHE B 196 5.57 -1.48 1.25
C PHE B 196 5.59 -0.46 0.12
N TRP B 197 6.36 0.61 0.29
CA TRP B 197 6.59 1.58 -0.76
C TRP B 197 7.98 1.37 -1.34
N LEU B 198 8.09 1.36 -2.67
CA LEU B 198 9.38 1.28 -3.34
C LEU B 198 9.39 2.26 -4.49
N GLU B 199 10.51 2.92 -4.72
CA GLU B 199 10.58 3.84 -5.84
C GLU B 199 10.23 3.13 -7.14
N ASP B 200 9.42 3.79 -7.96
CA ASP B 200 8.96 3.28 -9.25
C ASP B 200 8.14 2.00 -9.12
N ALA B 201 7.56 1.76 -7.94
CA ALA B 201 6.67 0.62 -7.75
C ALA B 201 5.55 0.63 -8.79
N ILE B 202 5.18 -0.57 -9.25
CA ILE B 202 4.06 -0.72 -10.18
C ILE B 202 2.80 -1.20 -9.49
N ASP B 203 2.88 -1.55 -8.20
CA ASP B 203 1.75 -2.09 -7.48
C ASP B 203 1.89 -1.75 -6.00
N ASN B 204 0.78 -1.90 -5.28
CA ASN B 204 0.70 -1.60 -3.85
C ASN B 204 -0.45 -2.44 -3.31
N VAL B 205 -0.12 -3.56 -2.66
CA VAL B 205 -1.13 -4.48 -2.12
C VAL B 205 -0.84 -4.72 -0.65
N PRO B 206 -1.81 -5.24 0.10
CA PRO B 206 -1.51 -5.61 1.50
C PRO B 206 -0.39 -6.65 1.57
N GLU B 207 0.59 -6.36 2.41
CA GLU B 207 1.70 -7.27 2.71
C GLU B 207 1.52 -7.87 4.08
N TYR B 208 2.04 -9.09 4.25
CA TYR B 208 2.00 -9.78 5.53
C TYR B 208 3.36 -10.31 5.89
N VAL B 209 3.70 -10.20 7.17
CA VAL B 209 4.90 -10.81 7.70
C VAL B 209 4.80 -12.32 7.57
N ILE B 210 5.92 -12.97 7.28
CA ILE B 210 5.95 -14.43 7.28
C ILE B 210 7.02 -14.84 8.30
N PRO B 211 6.65 -15.01 9.56
CA PRO B 211 7.65 -15.30 10.59
C PRO B 211 8.30 -16.64 10.30
N PHE B 212 9.63 -16.60 10.13
CA PHE B 212 10.29 -17.77 9.56
C PHE B 212 10.14 -19.00 10.44
N GLU B 213 10.11 -18.82 11.77
CA GLU B 213 9.97 -19.96 12.65
C GLU B 213 8.60 -20.61 12.49
N SER B 214 7.57 -19.82 12.19
CA SER B 214 6.25 -20.42 11.96
C SER B 214 6.17 -21.06 10.59
N PHE B 215 6.73 -20.40 9.58
CA PHE B 215 6.89 -21.01 8.25
C PHE B 215 7.59 -22.36 8.35
N ARG B 216 8.69 -22.41 9.11
CA ARG B 216 9.46 -23.64 9.22
C ARG B 216 8.68 -24.73 9.95
N SER B 217 8.06 -24.38 11.08
N SER B 217 8.03 -24.38 11.06
CA SER B 217 7.33 -25.38 11.86
CA SER B 217 7.35 -25.42 11.85
C SER B 217 6.14 -25.93 11.10
C SER B 217 6.11 -25.94 11.12
N LEU B 218 5.39 -25.06 10.41
CA LEU B 218 4.28 -25.53 9.59
C LEU B 218 4.77 -26.40 8.44
N ALA B 219 5.86 -26.00 7.78
CA ALA B 219 6.35 -26.83 6.69
C ALA B 219 6.72 -28.22 7.20
N ASP B 220 7.33 -28.28 8.39
CA ASP B 220 7.67 -29.55 9.03
C ASP B 220 6.43 -30.41 9.23
N GLU B 221 5.36 -29.80 9.75
CA GLU B 221 4.12 -30.55 9.93
C GLU B 221 3.64 -31.16 8.62
N TYR B 222 3.80 -30.44 7.51
CA TYR B 222 3.35 -30.94 6.22
C TYR B 222 4.42 -31.75 5.49
N GLY B 223 5.52 -32.10 6.17
CA GLY B 223 6.45 -33.06 5.63
C GLY B 223 7.58 -32.47 4.80
N MET B 224 7.95 -31.23 5.03
CA MET B 224 9.08 -30.61 4.34
C MET B 224 10.08 -30.13 5.38
N GLU B 225 11.36 -30.44 5.15
CA GLU B 225 12.41 -30.09 6.09
CA GLU B 225 12.42 -30.10 6.09
C GLU B 225 13.29 -28.99 5.51
N LEU B 226 13.79 -28.13 6.40
CA LEU B 226 14.53 -26.94 5.97
C LEU B 226 15.91 -27.31 5.42
N GLU B 227 16.20 -26.74 4.24
CA GLU B 227 17.48 -26.86 3.57
C GLU B 227 18.25 -25.55 3.48
N LEU B 228 17.55 -24.41 3.45
CA LEU B 228 18.19 -23.13 3.20
C LEU B 228 17.35 -22.02 3.81
N GLN B 229 18.02 -21.09 4.49
CA GLN B 229 17.35 -19.92 5.05
C GLN B 229 18.24 -18.68 5.01
N LYS B 230 19.17 -18.61 4.06
CA LYS B 230 20.14 -17.53 4.04
C LYS B 230 19.52 -16.22 3.54
N GLY B 231 19.79 -15.14 4.26
CA GLY B 231 19.43 -13.83 3.76
C GLY B 231 20.11 -13.52 2.43
N PHE B 232 19.55 -12.57 1.67
CA PHE B 232 20.12 -12.26 0.36
C PHE B 232 21.60 -11.91 0.45
N ASN B 233 22.00 -11.14 1.47
CA ASN B 233 23.41 -10.78 1.55
C ASN B 233 24.29 -12.02 1.71
N GLU B 234 23.97 -12.89 2.67
CA GLU B 234 24.83 -14.05 2.91
C GLU B 234 24.73 -15.05 1.75
N PHE B 235 23.54 -15.18 1.16
CA PHE B 235 23.41 -16.08 0.02
C PHE B 235 24.28 -15.62 -1.14
N PHE B 236 24.24 -14.33 -1.45
CA PHE B 236 25.04 -13.83 -2.57
C PHE B 236 26.52 -14.01 -2.31
N VAL B 237 26.98 -13.65 -1.11
CA VAL B 237 28.41 -13.77 -0.78
C VAL B 237 28.87 -15.23 -0.91
N GLU B 238 28.02 -16.16 -0.48
CA GLU B 238 28.38 -17.57 -0.49
C GLU B 238 28.41 -18.13 -1.91
N GLU B 239 27.53 -17.63 -2.77
CA GLU B 239 27.37 -18.24 -4.08
C GLU B 239 28.11 -17.53 -5.21
N ILE B 240 28.46 -16.25 -5.03
CA ILE B 240 29.04 -15.46 -6.12
C ILE B 240 30.35 -16.02 -6.67
N PRO B 241 31.26 -16.65 -5.88
CA PRO B 241 32.51 -17.11 -6.50
C PRO B 241 32.29 -18.12 -7.63
N ASN B 242 31.18 -18.83 -7.62
CA ASN B 242 30.82 -19.75 -8.69
C ASN B 242 30.05 -19.09 -9.81
N TRP B 243 29.68 -17.80 -9.67
CA TRP B 243 28.83 -17.12 -10.63
C TRP B 243 29.47 -15.92 -11.32
N VAL B 244 30.60 -15.43 -10.81
CA VAL B 244 31.26 -14.25 -11.36
C VAL B 244 31.29 -14.32 -12.89
N ASN B 245 31.76 -15.44 -13.42
CA ASN B 245 31.94 -15.60 -14.86
C ASN B 245 30.71 -16.10 -15.59
N ARG B 246 29.66 -16.53 -14.88
CA ARG B 246 28.44 -17.01 -15.52
C ARG B 246 27.50 -15.87 -15.89
N PHE B 247 27.57 -14.76 -15.17
CA PHE B 247 26.69 -13.63 -15.44
C PHE B 247 27.05 -12.97 -16.76
N SER B 248 26.01 -12.48 -17.44
CA SER B 248 26.22 -11.61 -18.59
C SER B 248 27.15 -10.47 -18.20
N PRO B 249 28.13 -10.11 -19.04
CA PRO B 249 29.02 -8.99 -18.69
C PRO B 249 28.25 -7.74 -18.28
N LYS B 250 27.08 -7.51 -18.87
CA LYS B 250 26.23 -6.40 -18.42
C LYS B 250 25.82 -6.57 -16.96
N MET B 251 25.31 -7.74 -16.59
CA MET B 251 24.86 -7.94 -15.20
C MET B 251 26.04 -7.93 -14.24
N ARG B 252 27.16 -8.55 -14.65
CA ARG B 252 28.36 -8.50 -13.82
C ARG B 252 28.83 -7.06 -13.61
N GLU B 253 28.78 -6.25 -14.68
CA GLU B 253 29.08 -4.82 -14.55
C GLU B 253 28.13 -4.15 -13.55
N GLY B 254 26.85 -4.53 -13.58
CA GLY B 254 25.89 -3.92 -12.67
C GLY B 254 26.15 -4.20 -11.20
N LEU B 255 26.67 -5.38 -10.89
CA LEU B 255 26.89 -5.81 -9.52
C LEU B 255 28.22 -5.31 -8.94
N LYS B 256 29.07 -4.68 -9.75
CA LYS B 256 30.39 -4.30 -9.29
C LYS B 256 30.30 -3.17 -8.26
N ARG B 257 30.81 -3.42 -7.06
CA ARG B 257 30.80 -2.42 -6.00
C ARG B 257 31.98 -1.46 -6.16
N SER B 258 32.03 -0.45 -5.28
CA SER B 258 33.10 0.53 -5.32
C SER B 258 34.47 -0.10 -5.04
N ASP B 259 34.50 -1.26 -4.39
CA ASP B 259 35.76 -1.92 -4.06
C ASP B 259 36.16 -2.96 -5.09
N GLY B 260 35.42 -3.09 -6.19
CA GLY B 260 35.75 -4.06 -7.20
C GLY B 260 35.20 -5.46 -6.95
N ARG B 261 34.58 -5.71 -5.81
CA ARG B 261 33.86 -6.96 -5.61
C ARG B 261 32.42 -6.78 -6.07
N TYR B 262 31.63 -7.84 -5.94
CA TYR B 262 30.27 -7.84 -6.46
C TYR B 262 29.26 -7.90 -5.32
N GLY B 263 28.13 -7.28 -5.52
CA GLY B 263 27.05 -7.29 -4.54
C GLY B 263 26.21 -6.04 -4.64
N VAL B 264 25.72 -5.58 -3.48
CA VAL B 264 25.02 -4.31 -3.37
C VAL B 264 25.63 -3.51 -2.22
N GLU B 265 25.51 -2.19 -2.33
CA GLU B 265 25.89 -1.27 -1.27
C GLU B 265 24.95 -0.08 -1.36
N GLY B 266 25.30 1.00 -0.67
CA GLY B 266 24.50 2.21 -0.80
C GLY B 266 23.10 2.11 -0.21
N VAL B 267 22.26 3.06 -0.64
CA VAL B 267 20.87 3.11 -0.18
C VAL B 267 20.10 1.86 -0.59
N GLU B 268 20.46 1.26 -1.72
CA GLU B 268 19.72 0.11 -2.21
C GLU B 268 19.98 -1.16 -1.41
N LYS B 269 21.05 -1.20 -0.60
CA LYS B 269 21.41 -2.45 0.06
C LYS B 269 20.31 -2.92 0.99
N GLU B 270 19.70 -2.01 1.75
CA GLU B 270 18.71 -2.45 2.73
C GLU B 270 17.48 -3.04 2.06
N PRO B 271 16.79 -2.36 1.13
CA PRO B 271 15.62 -3.00 0.50
C PRO B 271 16.00 -4.10 -0.48
N ALA B 272 17.20 -4.06 -1.07
CA ALA B 272 17.58 -5.08 -2.05
C ALA B 272 18.02 -6.37 -1.38
N ALA B 273 18.69 -6.30 -0.23
CA ALA B 273 19.38 -7.45 0.35
C ALA B 273 18.94 -7.74 1.79
N TYR B 274 19.15 -6.82 2.73
CA TYR B 274 18.76 -7.10 4.12
C TYR B 274 17.28 -7.48 4.24
N PHE B 275 16.43 -6.86 3.43
CA PHE B 275 15.00 -7.03 3.64
C PHE B 275 14.49 -8.41 3.21
N TYR B 276 15.26 -9.15 2.41
CA TYR B 276 14.79 -10.41 1.83
C TYR B 276 15.66 -11.59 2.23
N THR B 277 15.03 -12.77 2.28
CA THR B 277 15.75 -14.03 2.52
C THR B 277 15.37 -15.08 1.48
N THR B 278 16.32 -15.97 1.20
CA THR B 278 15.99 -17.18 0.48
C THR B 278 15.35 -18.19 1.43
N PHE B 279 14.67 -19.17 0.85
CA PHE B 279 14.26 -20.35 1.60
C PHE B 279 14.32 -21.56 0.68
N ALA B 280 14.57 -22.72 1.26
CA ALA B 280 14.36 -23.96 0.52
C ALA B 280 14.06 -25.08 1.49
N PHE B 281 13.15 -25.96 1.08
CA PHE B 281 12.80 -27.13 1.85
C PHE B 281 12.86 -28.36 0.96
N ARG B 282 13.02 -29.52 1.58
CA ARG B 282 12.97 -30.80 0.89
C ARG B 282 11.77 -31.61 1.41
N LYS B 283 10.95 -32.13 0.49
CA LYS B 283 9.84 -33.01 0.89
C LYS B 283 10.36 -34.39 1.27
N VAL B 284 10.06 -34.85 2.49
CA VAL B 284 10.60 -36.11 2.99
C VAL B 284 9.55 -37.21 3.13
N ARG B 285 8.26 -36.89 3.03
CA ARG B 285 7.20 -37.88 3.08
C ARG B 285 5.96 -37.31 2.41
N ASP B 286 5.05 -38.19 2.01
CA ASP B 286 3.72 -37.75 1.61
C ASP B 286 2.90 -37.41 2.85
N TYR B 287 2.19 -36.30 2.81
CA TYR B 287 1.35 -35.87 3.92
C TYR B 287 -0.01 -36.56 3.85
N GLN B 288 -0.47 -37.05 4.99
CA GLN B 288 -1.79 -37.67 5.07
C GLN B 288 -2.80 -36.73 5.75
N SFG C . -3.79 17.06 4.75
CA SFG C . -2.45 16.80 4.14
C SFG C . -2.54 16.92 2.62
O SFG C . -1.46 17.01 1.99
OXT SFG C . -3.67 16.89 2.09
CB SFG C . -1.95 15.41 4.51
CG SFG C . -2.79 14.28 3.92
CD SFG C . -2.23 12.87 4.11
NE SFG C . -2.80 11.99 3.03
C5' SFG C . -2.65 12.23 5.43
C4' SFG C . -2.09 12.82 6.71
O4' SFG C . -2.76 12.25 7.86
C3' SFG C . -0.59 12.59 6.94
O3' SFG C . 0.05 13.86 7.00
C2' SFG C . -0.55 11.81 8.25
O2' SFG C . 0.63 11.98 9.02
C1' SFG C . -1.83 12.29 8.92
N9 SFG C . -2.35 11.47 10.00
C8 SFG C . -2.67 10.13 9.96
N7 SFG C . -3.16 9.68 11.08
C5 SFG C . -3.18 10.78 11.92
C6 SFG C . -3.61 10.95 13.26
N6 SFG C . -4.09 9.97 14.02
N1 SFG C . -3.51 12.19 13.79
C2 SFG C . -3.01 13.17 13.03
N3 SFG C . -2.58 13.13 11.77
C4 SFG C . -2.69 11.89 11.26
C1 EDO D . -2.26 20.97 2.77
O1 EDO D . -1.35 20.40 3.69
C2 EDO D . -3.57 20.21 2.79
O2 EDO D . -3.85 19.76 4.10
C1 EDO E . -12.58 18.17 -14.09
O1 EDO E . -11.95 17.60 -15.22
C2 EDO E . -13.67 17.26 -13.62
O2 EDO E . -14.60 17.07 -14.68
C1 EDO F . -0.94 14.20 -6.09
O1 EDO F . -0.28 15.13 -5.26
C2 EDO F . -0.96 12.84 -5.43
O2 EDO F . -2.23 12.54 -4.90
C1 EDO G . -8.04 -11.16 6.22
O1 EDO G . -7.86 -10.81 7.57
C2 EDO G . -7.98 -9.94 5.32
O2 EDO G . -8.50 -8.80 5.97
C1 EDO H . -12.54 37.06 0.79
O1 EDO H . -11.58 36.32 0.07
C2 EDO H . -12.27 36.96 2.27
O2 EDO H . -12.45 35.64 2.73
C1 PEG I . -11.56 4.62 -15.59
O1 PEG I . -12.72 4.65 -16.39
C2 PEG I . -10.34 4.37 -16.43
O2 PEG I . -9.80 5.58 -16.86
C3 PEG I . -9.79 5.70 -18.26
C4 PEG I . -8.63 4.92 -18.82
O4 PEG I . -8.95 3.56 -19.03
C TRS J . -13.87 -18.14 -4.23
C TRS J . -13.44 -18.38 -4.39
C1 TRS J . -13.67 -19.09 -3.04
C1 TRS J . -13.41 -18.20 -5.91
C2 TRS J . -15.13 -18.47 -5.03
C2 TRS J . -14.13 -19.69 -3.99
C3 TRS J . -12.68 -18.12 -5.18
C3 TRS J . -14.16 -17.24 -3.69
N TRS J . -14.01 -16.77 -3.63
N TRS J . -12.02 -18.44 -3.88
O1 TRS J . -14.68 -18.79 -2.12
O1 TRS J . -12.10 -17.97 -6.33
O2 TRS J . -16.16 -17.66 -4.54
O2 TRS J . -14.21 -20.51 -5.12
O3 TRS J . -13.14 -17.71 -6.44
O3 TRS J . -13.34 -16.09 -3.68
N SFG K . 7.05 -14.07 -8.84
CA SFG K . 6.83 -12.80 -9.58
C SFG K . 8.11 -11.96 -9.52
O SFG K . 8.08 -10.85 -10.08
OXT SFG K . 9.10 -12.46 -8.94
CB SFG K . 5.64 -12.02 -9.03
CG SFG K . 5.82 -11.48 -7.62
CD SFG K . 4.75 -10.52 -7.14
NE SFG K . 5.34 -9.62 -6.10
C5' SFG K . 3.56 -11.24 -6.50
C4' SFG K . 2.70 -12.13 -7.39
O4' SFG K . 1.86 -12.95 -6.55
C3' SFG K . 1.74 -11.38 -8.33
O3' SFG K . 1.98 -11.81 -9.67
C2' SFG K . 0.35 -11.80 -7.82
O2' SFG K . -0.67 -11.75 -8.80
C1' SFG K . 0.67 -13.17 -7.26
N9 SFG K . -0.31 -13.67 -6.29
C8 SFG K . -0.72 -13.06 -5.14
N7 SFG K . -1.57 -13.78 -4.45
C5 SFG K . -1.70 -14.95 -5.19
C6 SFG K . -2.46 -16.12 -4.99
N6 SFG K . -3.27 -16.32 -3.94
N1 SFG K . -2.36 -17.10 -5.92
C2 SFG K . -1.55 -16.90 -6.97
N3 SFG K . -0.80 -15.84 -7.26
C4 SFG K . -0.93 -14.89 -6.32
C1 EDO L . 4.45 -9.45 -26.02
O1 EDO L . 4.66 -8.93 -24.72
C2 EDO L . 3.45 -8.62 -26.78
O2 EDO L . 3.80 -7.26 -26.68
C1 EDO M . -4.86 -4.92 9.01
O1 EDO M . -4.65 -4.90 10.40
C2 EDO M . -6.19 -4.33 8.65
O2 EDO M . -6.35 -3.03 9.20
#